data_8POM
#
_entry.id   8POM
#
_cell.length_a   79.973
_cell.length_b   61.422
_cell.length_c   111.050
_cell.angle_alpha   90.00
_cell.angle_beta   102.79
_cell.angle_gamma   90.00
#
_symmetry.space_group_name_H-M   'I 1 2 1'
#
loop_
_entity.id
_entity.type
_entity.pdbx_description
1 polymer 'Transcriptional enhancer factor TEF-4'
2 non-polymer '2-[[3-(2-phenylethoxy)phenyl]amino]pyridine-3-carboxylic acid'
3 non-polymer GLYCEROL
4 water water
#
_entity_poly.entity_id   1
_entity_poly.type   'polypeptide(L)'
_entity_poly.pdbx_seq_one_letter_code
;MAWQARGLGTARLQLVEFSAFVEPPDAVDSYQRHLFVHISQHCPSPGAPPLESVDVRQIYDKFPEKKGGLRELYDRGPPH
AFFLVKFWADLNWGPSGEEAGAGGSISSGGFYGVSSQYESLEHMTLTCSSKVCSFGKQVVEKVETERAQLEDGRFVYRLL
RSPMCEYLVNFLHKLRQLPERYMMNSVLENFTILQVVTNRDTQELLLCTAYVFEVSTSERGAQHHIYRLVRDVEHHHHHH
;
_entity_poly.pdbx_strand_id   B,A
#
loop_
_chem_comp.id
_chem_comp.type
_chem_comp.name
_chem_comp.formula
GOL non-polymer GLYCEROL 'C3 H8 O3'
ZUP non-polymer '2-[[3-(2-phenylethoxy)phenyl]amino]pyridine-3-carboxylic acid' 'C20 H18 N2 O3'
#
# COMPACT_ATOMS: atom_id res chain seq x y z
N ALA A 2 15.46 -6.30 -31.28
CA ALA A 2 15.65 -4.93 -31.74
C ALA A 2 15.07 -3.89 -30.76
N TRP A 3 13.87 -4.17 -30.24
CA TRP A 3 13.22 -3.30 -29.27
C TRP A 3 13.31 -3.84 -27.85
N GLN A 4 14.38 -4.60 -27.58
CA GLN A 4 14.60 -5.26 -26.29
C GLN A 4 15.30 -4.33 -25.33
N ALA A 5 14.82 -4.31 -24.09
CA ALA A 5 15.34 -3.38 -23.09
C ALA A 5 16.81 -3.66 -22.78
N ARG A 6 17.56 -2.58 -22.52
CA ARG A 6 18.94 -2.66 -22.05
C ARG A 6 19.09 -2.20 -20.61
N GLY A 7 18.03 -1.68 -20.00
CA GLY A 7 17.99 -1.39 -18.58
C GLY A 7 16.59 -1.67 -18.09
N LEU A 8 16.36 -1.37 -16.82
CA LEU A 8 15.05 -1.63 -16.23
C LEU A 8 14.13 -0.46 -16.55
N GLY A 9 13.21 -0.66 -17.48
CA GLY A 9 12.27 0.36 -17.82
C GLY A 9 11.73 0.10 -19.20
N THR A 10 10.80 0.95 -19.61
CA THR A 10 10.30 0.92 -20.97
C THR A 10 10.40 2.33 -21.53
N ALA A 11 10.05 2.48 -22.79
CA ALA A 11 9.97 3.80 -23.40
C ALA A 11 8.98 4.72 -22.69
N ARG A 12 8.12 4.18 -21.83
CA ARG A 12 7.17 5.04 -21.13
C ARG A 12 7.64 5.43 -19.75
N LEU A 13 8.45 4.59 -19.12
CA LEU A 13 8.79 4.82 -17.72
C LEU A 13 10.07 4.07 -17.43
N GLN A 14 11.08 4.80 -17.00
CA GLN A 14 12.40 4.24 -16.77
C GLN A 14 12.71 4.39 -15.29
N LEU A 15 13.18 3.31 -14.67
CA LEU A 15 13.76 3.43 -13.35
C LEU A 15 15.04 4.23 -13.42
N VAL A 16 15.12 5.27 -12.58
CA VAL A 16 16.35 6.03 -12.47
C VAL A 16 17.23 5.48 -11.36
N GLU A 17 16.63 5.24 -10.21
CA GLU A 17 17.44 4.88 -9.06
C GLU A 17 16.52 4.22 -8.04
N PHE A 18 17.04 3.20 -7.37
CA PHE A 18 16.27 2.54 -6.34
C PHE A 18 17.24 2.05 -5.29
N SER A 19 16.92 2.30 -4.03
CA SER A 19 17.80 1.83 -2.97
C SER A 19 16.98 1.58 -1.72
N ALA A 20 17.52 0.76 -0.86
CA ALA A 20 16.98 0.54 0.47
C ALA A 20 18.16 0.72 1.39
N PHE A 21 17.95 1.37 2.52
CA PHE A 21 19.14 1.78 3.24
C PHE A 21 18.78 1.96 4.69
N VAL A 22 19.80 2.09 5.52
CA VAL A 22 19.61 2.50 6.90
C VAL A 22 20.66 3.55 7.22
N GLU A 23 20.23 4.62 7.91
CA GLU A 23 21.16 5.60 8.43
C GLU A 23 21.28 5.41 9.94
N PRO A 24 22.47 5.25 10.51
CA PRO A 24 22.55 5.03 11.96
C PRO A 24 22.07 6.25 12.72
N PRO A 25 21.69 6.09 13.99
CA PRO A 25 21.20 7.24 14.78
C PRO A 25 22.17 8.41 14.79
N ASP A 26 23.46 8.11 14.82
CA ASP A 26 24.51 9.11 14.82
C ASP A 26 24.69 9.77 13.45
N ALA A 27 23.85 9.44 12.46
CA ALA A 27 23.99 10.06 11.13
C ALA A 27 23.86 11.57 11.20
N VAL A 28 23.24 12.11 12.26
CA VAL A 28 23.07 13.55 12.39
C VAL A 28 24.40 14.24 12.67
N ASP A 29 25.42 13.50 13.10
CA ASP A 29 26.73 14.08 13.41
C ASP A 29 27.69 13.97 12.23
N SER A 30 28.00 12.75 11.81
CA SER A 30 28.68 12.49 10.54
C SER A 30 27.78 11.60 9.71
N TYR A 31 27.51 12.01 8.48
CA TYR A 31 26.50 11.30 7.71
C TYR A 31 27.08 10.01 7.13
N GLN A 32 26.27 8.96 7.16
CA GLN A 32 26.58 7.73 6.47
C GLN A 32 25.28 6.98 6.28
N ARG A 33 25.18 6.27 5.18
CA ARG A 33 24.06 5.37 4.99
C ARG A 33 24.63 4.07 4.49
N HIS A 34 24.04 2.99 4.96
CA HIS A 34 24.33 1.64 4.51
C HIS A 34 23.28 1.21 3.50
N LEU A 35 23.73 0.77 2.33
CA LEU A 35 22.82 0.34 1.28
C LEU A 35 22.65 -1.18 1.38
N PHE A 36 21.43 -1.61 1.68
CA PHE A 36 21.08 -3.03 1.56
C PHE A 36 21.08 -3.47 0.11
N VAL A 37 20.33 -2.76 -0.74
CA VAL A 37 20.28 -3.02 -2.17
C VAL A 37 20.25 -1.66 -2.87
N HIS A 38 20.66 -1.65 -4.13
CA HIS A 38 20.83 -0.37 -4.84
C HIS A 38 20.88 -0.59 -6.33
N ILE A 39 19.99 0.08 -7.07
CA ILE A 39 20.09 0.15 -8.53
C ILE A 39 20.23 1.61 -8.92
N SER A 40 21.22 1.90 -9.74
CA SER A 40 21.46 3.23 -10.28
C SER A 40 21.58 3.13 -11.80
N GLN A 41 20.68 3.80 -12.51
CA GLN A 41 20.76 3.80 -13.97
C GLN A 41 21.03 5.21 -14.49
N HIS A 42 22.14 5.82 -14.08
CA HIS A 42 22.46 7.19 -14.49
C HIS A 42 23.28 7.22 -15.78
N PRO A 49 24.02 -3.87 -25.02
CA PRO A 49 23.45 -5.22 -25.18
C PRO A 49 22.07 -5.34 -24.54
N PRO A 50 21.22 -6.25 -25.05
CA PRO A 50 19.97 -6.55 -24.34
C PRO A 50 20.28 -7.27 -23.04
N LEU A 51 19.42 -7.05 -22.05
CA LEU A 51 19.53 -7.82 -20.82
C LEU A 51 19.25 -9.29 -21.12
N GLU A 52 19.77 -10.16 -20.27
CA GLU A 52 19.40 -11.55 -20.41
C GLU A 52 17.93 -11.72 -20.02
N SER A 53 17.39 -12.89 -20.30
CA SER A 53 15.96 -13.14 -20.13
C SER A 53 15.73 -14.35 -19.23
N VAL A 54 14.62 -14.33 -18.51
CA VAL A 54 14.19 -15.47 -17.68
C VAL A 54 12.73 -15.72 -17.97
N ASP A 55 12.36 -16.99 -18.20
CA ASP A 55 10.97 -17.28 -18.48
C ASP A 55 10.15 -17.12 -17.20
N VAL A 56 9.03 -16.40 -17.31
CA VAL A 56 8.29 -15.98 -16.11
C VAL A 56 7.57 -17.13 -15.43
N ARG A 57 7.19 -18.18 -16.17
CA ARG A 57 6.50 -19.32 -15.57
C ARG A 57 7.32 -19.93 -14.43
N GLN A 58 8.64 -19.91 -14.55
CA GLN A 58 9.49 -20.52 -13.53
C GLN A 58 9.32 -19.85 -12.17
N ILE A 59 8.96 -18.57 -12.14
CA ILE A 59 8.85 -17.80 -10.90
C ILE A 59 7.39 -17.55 -10.52
N TYR A 60 6.45 -18.25 -11.14
CA TYR A 60 5.03 -18.04 -10.88
C TYR A 60 4.68 -18.27 -9.42
N ASP A 61 5.16 -19.37 -8.85
CA ASP A 61 4.77 -19.76 -7.50
C ASP A 61 5.60 -19.08 -6.40
N LYS A 62 6.56 -18.23 -6.75
CA LYS A 62 7.23 -17.39 -5.78
C LYS A 62 6.44 -16.10 -5.47
N PHE A 63 5.25 -15.90 -6.08
CA PHE A 63 4.49 -14.65 -5.99
C PHE A 63 2.99 -14.93 -5.83
N PRO A 64 2.16 -13.91 -5.52
CA PRO A 64 0.75 -14.20 -5.20
C PRO A 64 -0.03 -14.73 -6.40
N GLU A 65 -1.30 -15.10 -6.18
CA GLU A 65 -2.10 -15.79 -7.18
C GLU A 65 -3.51 -15.22 -7.17
N LYS A 66 -4.34 -15.71 -8.10
CA LYS A 66 -5.77 -15.40 -8.14
C LYS A 66 -6.06 -13.97 -8.61
N LYS A 67 -5.28 -12.99 -8.15
CA LYS A 67 -5.49 -11.59 -8.50
C LYS A 67 -4.31 -10.75 -8.07
N GLY A 68 -3.82 -9.88 -8.95
CA GLY A 68 -2.57 -9.20 -8.67
C GLY A 68 -1.36 -10.11 -8.68
N GLY A 69 -1.54 -11.40 -9.07
CA GLY A 69 -0.44 -12.31 -9.19
C GLY A 69 0.26 -12.21 -10.55
N LEU A 70 1.45 -12.82 -10.61
CA LEU A 70 2.33 -12.65 -11.77
C LEU A 70 1.66 -13.09 -13.07
N ARG A 71 1.05 -14.28 -13.05
CA ARG A 71 0.39 -14.80 -14.26
C ARG A 71 -0.70 -13.86 -14.77
N GLU A 72 -1.56 -13.37 -13.87
CA GLU A 72 -2.64 -12.48 -14.30
C GLU A 72 -2.07 -11.17 -14.83
N LEU A 73 -1.11 -10.60 -14.09
CA LEU A 73 -0.46 -9.38 -14.52
C LEU A 73 0.16 -9.54 -15.89
N TYR A 74 0.99 -10.58 -16.04
CA TYR A 74 1.58 -10.83 -17.35
C TYR A 74 0.49 -11.00 -18.40
N ASP A 75 -0.66 -11.54 -17.98
CA ASP A 75 -1.79 -11.74 -18.89
C ASP A 75 -2.35 -10.42 -19.38
N ARG A 76 -2.48 -9.42 -18.48
CA ARG A 76 -2.90 -8.10 -18.90
C ARG A 76 -1.88 -7.48 -19.87
N GLY A 77 -0.59 -7.59 -19.56
CA GLY A 77 0.43 -7.00 -20.38
C GLY A 77 0.75 -5.59 -19.95
N PRO A 78 1.63 -4.91 -20.69
CA PRO A 78 2.34 -5.39 -21.88
C PRO A 78 3.53 -6.25 -21.47
N PRO A 79 3.83 -7.27 -22.27
CA PRO A 79 4.93 -8.19 -21.91
C PRO A 79 6.27 -7.51 -21.70
N HIS A 80 6.57 -6.44 -22.44
CA HIS A 80 7.90 -5.84 -22.33
C HIS A 80 8.10 -5.09 -21.03
N ALA A 81 7.07 -4.94 -20.21
CA ALA A 81 7.18 -4.15 -18.98
C ALA A 81 7.58 -4.97 -17.76
N PHE A 82 7.90 -6.26 -17.92
CA PHE A 82 8.16 -7.15 -16.80
C PHE A 82 9.66 -7.44 -16.67
N PHE A 83 10.19 -7.21 -15.47
CA PHE A 83 11.59 -7.43 -15.17
C PHE A 83 11.72 -8.27 -13.90
N LEU A 84 12.82 -9.01 -13.83
CA LEU A 84 13.20 -9.76 -12.64
C LEU A 84 14.52 -9.18 -12.19
N VAL A 85 14.62 -8.85 -10.93
CA VAL A 85 15.86 -8.33 -10.39
C VAL A 85 16.30 -9.28 -9.30
N LYS A 86 17.50 -9.80 -9.41
CA LYS A 86 18.13 -10.61 -8.36
C LYS A 86 19.12 -9.72 -7.63
N PHE A 87 19.00 -9.64 -6.31
CA PHE A 87 19.82 -8.84 -5.42
C PHE A 87 20.65 -9.78 -4.57
N TRP A 88 21.90 -9.42 -4.40
CA TRP A 88 22.73 -9.89 -3.30
C TRP A 88 22.76 -8.73 -2.31
N ALA A 89 21.94 -8.85 -1.27
CA ALA A 89 21.82 -7.81 -0.26
C ALA A 89 23.02 -7.80 0.68
N ASP A 90 23.42 -6.60 1.07
CA ASP A 90 24.47 -6.39 2.05
C ASP A 90 23.85 -6.27 3.43
N LEU A 91 24.02 -7.30 4.25
CA LEU A 91 23.43 -7.32 5.58
C LEU A 91 24.45 -7.17 6.70
N ASN A 92 25.51 -6.37 6.53
CA ASN A 92 26.33 -6.01 7.69
C ASN A 92 26.39 -4.49 7.83
N TRP A 93 25.87 -3.98 8.96
CA TRP A 93 25.83 -2.53 9.15
C TRP A 93 25.94 -2.16 10.63
N SER A 108 19.13 -1.57 16.96
CA SER A 108 20.18 -0.56 16.96
C SER A 108 19.57 0.85 17.00
N GLY A 109 18.58 1.10 16.14
CA GLY A 109 17.72 2.26 16.29
C GLY A 109 17.88 3.38 15.28
N GLY A 110 18.11 3.05 14.01
CA GLY A 110 18.31 4.03 12.96
C GLY A 110 17.11 4.19 12.06
N PHE A 111 17.32 4.94 10.98
CA PHE A 111 16.26 5.18 10.01
C PHE A 111 16.39 4.19 8.86
N TYR A 112 15.34 3.38 8.64
CA TYR A 112 15.24 2.44 7.54
C TYR A 112 14.35 3.04 6.46
N GLY A 113 14.89 3.22 5.25
CA GLY A 113 14.13 3.89 4.21
C GLY A 113 14.33 3.25 2.86
N VAL A 114 13.40 3.57 1.95
CA VAL A 114 13.44 3.14 0.56
C VAL A 114 13.23 4.37 -0.32
N SER A 115 14.06 4.54 -1.34
CA SER A 115 13.98 5.70 -2.23
C SER A 115 13.89 5.20 -3.67
N SER A 116 12.91 5.73 -4.41
CA SER A 116 12.63 5.31 -5.78
C SER A 116 12.57 6.57 -6.64
N GLN A 117 13.02 6.45 -7.88
CA GLN A 117 12.93 7.59 -8.78
C GLN A 117 12.78 7.08 -10.21
N TYR A 118 11.80 7.61 -10.92
CA TYR A 118 11.48 7.22 -12.29
C TYR A 118 11.39 8.48 -13.13
N GLU A 119 11.45 8.29 -14.43
CA GLU A 119 11.14 9.42 -15.29
C GLU A 119 10.46 8.94 -16.55
N SER A 120 9.84 9.89 -17.24
CA SER A 120 9.07 9.59 -18.42
C SER A 120 9.13 10.76 -19.36
N LEU A 121 8.71 10.52 -20.59
CA LEU A 121 8.52 11.60 -21.53
C LEU A 121 7.16 12.24 -21.36
N GLU A 122 6.22 11.59 -20.68
CA GLU A 122 4.89 12.13 -20.57
C GLU A 122 4.52 12.33 -19.10
N HIS A 123 3.51 13.17 -18.87
CA HIS A 123 3.10 13.58 -17.53
C HIS A 123 1.99 12.64 -17.09
N MET A 124 2.26 11.84 -16.06
CA MET A 124 1.24 10.96 -15.52
C MET A 124 1.19 11.12 -14.01
N THR A 125 0.18 10.52 -13.42
CA THR A 125 0.16 10.28 -12.00
C THR A 125 0.39 8.77 -11.82
N LEU A 126 1.48 8.40 -11.14
CA LEU A 126 1.79 6.99 -10.94
C LEU A 126 1.15 6.47 -9.66
N THR A 127 0.69 5.22 -9.70
CA THR A 127 0.43 4.44 -8.49
C THR A 127 1.47 3.33 -8.45
N CYS A 128 2.21 3.24 -7.34
CA CYS A 128 3.22 2.20 -7.16
C CYS A 128 2.82 1.31 -6.00
N SER A 129 2.61 0.04 -6.30
CA SER A 129 2.26 -0.98 -5.31
C SER A 129 3.46 -1.89 -5.09
N SER A 130 3.82 -2.10 -3.84
CA SER A 130 4.96 -2.94 -3.47
C SER A 130 4.42 -4.02 -2.55
N LYS A 131 4.63 -5.27 -2.91
CA LYS A 131 4.10 -6.42 -2.18
C LYS A 131 5.26 -7.27 -1.70
N VAL A 132 5.33 -7.54 -0.40
CA VAL A 132 6.28 -8.50 0.18
C VAL A 132 5.58 -9.84 0.30
N CYS A 133 6.18 -10.88 -0.24
CA CYS A 133 5.57 -12.19 -0.16
C CYS A 133 6.49 -13.19 0.51
N SER A 134 5.86 -14.09 1.24
CA SER A 134 6.57 -15.14 1.95
C SER A 134 5.92 -16.44 1.52
N PHE A 135 6.70 -17.33 0.92
CA PHE A 135 6.19 -18.57 0.33
C PHE A 135 5.06 -18.28 -0.65
N GLY A 136 5.20 -17.21 -1.44
CA GLY A 136 4.18 -16.84 -2.41
C GLY A 136 2.95 -16.15 -1.86
N LYS A 137 2.77 -16.10 -0.54
CA LYS A 137 1.62 -15.45 0.06
C LYS A 137 1.97 -13.99 0.33
N GLN A 138 1.18 -13.07 -0.25
CA GLN A 138 1.32 -11.67 0.11
C GLN A 138 1.29 -11.51 1.62
N VAL A 139 2.25 -10.76 2.17
CA VAL A 139 2.35 -10.55 3.61
C VAL A 139 2.11 -9.09 3.98
N VAL A 140 2.66 -8.16 3.20
CA VAL A 140 2.49 -6.74 3.42
C VAL A 140 2.37 -6.11 2.05
N GLU A 141 1.65 -4.99 1.97
CA GLU A 141 1.57 -4.28 0.70
C GLU A 141 1.61 -2.79 0.99
N LYS A 142 2.33 -2.03 0.16
CA LYS A 142 2.31 -0.58 0.30
C LYS A 142 1.93 0.00 -1.05
N VAL A 143 1.00 0.94 -1.05
CA VAL A 143 0.59 1.63 -2.27
C VAL A 143 0.82 3.11 -2.08
N GLU A 144 1.41 3.75 -3.09
CA GLU A 144 1.74 5.16 -3.07
C GLU A 144 1.42 5.73 -4.43
N THR A 145 1.00 6.97 -4.48
CA THR A 145 0.93 7.66 -5.76
C THR A 145 1.96 8.77 -5.79
N GLU A 146 2.48 9.06 -6.97
CA GLU A 146 3.31 10.24 -7.17
C GLU A 146 2.91 10.90 -8.46
N ARG A 147 2.65 12.20 -8.37
CA ARG A 147 2.34 13.03 -9.53
C ARG A 147 3.64 13.46 -10.19
N ALA A 148 3.64 13.54 -11.52
CA ALA A 148 4.82 13.97 -12.25
C ALA A 148 5.29 15.36 -11.82
N GLN A 149 6.61 15.57 -11.83
CA GLN A 149 7.19 16.89 -11.68
C GLN A 149 8.00 17.21 -12.93
N LEU A 150 7.69 18.34 -13.56
CA LEU A 150 8.32 18.72 -14.83
C LEU A 150 9.73 19.18 -14.56
N GLU A 151 10.68 18.71 -15.36
CA GLU A 151 12.07 19.04 -15.04
C GLU A 151 13.05 18.70 -16.15
N ASP A 152 13.33 19.65 -17.03
CA ASP A 152 14.41 19.50 -18.01
C ASP A 152 13.90 18.59 -19.14
N GLY A 153 12.82 19.01 -19.79
CA GLY A 153 12.23 18.21 -20.84
C GLY A 153 11.39 17.04 -20.34
N ARG A 154 11.98 16.15 -19.54
CA ARG A 154 11.26 14.96 -19.11
C ARG A 154 10.61 15.18 -17.74
N PHE A 155 9.78 14.23 -17.35
CA PHE A 155 9.08 14.30 -16.08
C PHE A 155 9.73 13.34 -15.10
N VAL A 156 9.83 13.76 -13.85
CA VAL A 156 10.47 12.97 -12.81
C VAL A 156 9.44 12.66 -11.74
N TYR A 157 9.50 11.43 -11.24
CA TYR A 157 8.63 10.95 -10.18
C TYR A 157 9.54 10.53 -9.03
N ARG A 158 9.36 11.15 -7.88
CA ARG A 158 10.26 11.02 -6.75
C ARG A 158 9.49 10.47 -5.57
N LEU A 159 9.77 9.23 -5.22
CA LEU A 159 9.27 8.67 -3.97
C LEU A 159 10.48 8.42 -3.08
N LEU A 160 11.03 9.49 -2.50
CA LEU A 160 12.27 9.42 -1.75
C LEU A 160 12.05 9.23 -0.26
N ARG A 161 12.90 8.41 0.35
CA ARG A 161 12.97 8.26 1.81
C ARG A 161 11.64 7.79 2.40
N SER A 162 10.98 6.87 1.72
CA SER A 162 9.83 6.23 2.32
C SER A 162 10.30 5.38 3.49
N PRO A 163 9.71 5.52 4.67
CA PRO A 163 10.07 4.62 5.77
C PRO A 163 9.80 3.16 5.38
N MET A 164 10.83 2.32 5.51
CA MET A 164 10.62 0.87 5.46
C MET A 164 9.52 0.45 6.41
N CYS A 165 8.71 -0.53 5.99
CA CYS A 165 7.64 -0.96 6.87
C CYS A 165 8.22 -1.83 7.96
N GLU A 166 7.55 -1.82 9.11
CA GLU A 166 8.14 -2.42 10.29
C GLU A 166 8.35 -3.92 10.12
N TYR A 167 7.60 -4.55 9.20
CA TYR A 167 7.80 -5.97 8.97
C TYR A 167 9.17 -6.23 8.37
N LEU A 168 9.57 -5.41 7.40
CA LEU A 168 10.86 -5.59 6.76
C LEU A 168 12.01 -5.23 7.70
N VAL A 169 11.87 -4.15 8.46
CA VAL A 169 12.93 -3.83 9.41
C VAL A 169 13.13 -4.99 10.37
N ASN A 170 12.03 -5.56 10.88
CA ASN A 170 12.19 -6.64 11.84
C ASN A 170 12.77 -7.86 11.15
N PHE A 171 12.34 -8.11 9.92
CA PHE A 171 12.89 -9.22 9.15
C PHE A 171 14.39 -9.05 8.96
N LEU A 172 14.84 -7.84 8.63
CA LEU A 172 16.27 -7.62 8.47
C LEU A 172 17.03 -7.83 9.78
N HIS A 173 16.50 -7.34 10.90
CA HIS A 173 17.22 -7.55 12.15
C HIS A 173 17.31 -9.02 12.50
N LYS A 174 16.26 -9.79 12.26
CA LYS A 174 16.35 -11.23 12.51
C LYS A 174 17.31 -11.89 11.54
N LEU A 175 17.19 -11.56 10.26
CA LEU A 175 18.02 -12.19 9.24
C LEU A 175 19.51 -11.96 9.53
N ARG A 176 19.87 -10.74 9.94
CA ARG A 176 21.28 -10.41 10.20
C ARG A 176 21.88 -11.23 11.33
N GLN A 177 21.03 -11.84 12.15
CA GLN A 177 21.43 -12.62 13.32
CA GLN A 177 21.50 -12.60 13.29
C GLN A 177 21.69 -14.09 13.01
N LEU A 178 21.25 -14.58 11.85
CA LEU A 178 21.40 -16.00 11.55
C LEU A 178 22.87 -16.38 11.50
N PRO A 179 23.26 -17.54 12.03
CA PRO A 179 24.70 -17.83 12.18
C PRO A 179 25.42 -18.23 10.92
N GLU A 180 24.73 -18.53 9.82
CA GLU A 180 25.40 -18.95 8.60
C GLU A 180 24.78 -18.25 7.43
N ARG A 181 25.63 -17.86 6.49
CA ARG A 181 25.13 -17.24 5.28
C ARG A 181 24.22 -18.18 4.50
N TYR A 182 24.56 -19.47 4.42
CA TYR A 182 23.67 -20.35 3.67
C TYR A 182 22.30 -20.43 4.33
N MET A 183 22.23 -20.23 5.64
CA MET A 183 20.95 -20.19 6.32
C MET A 183 20.19 -18.91 5.96
N MET A 184 20.89 -17.79 5.81
CA MET A 184 20.14 -16.63 5.31
C MET A 184 19.63 -16.87 3.91
N ASN A 185 20.46 -17.43 3.04
CA ASN A 185 20.00 -17.76 1.70
C ASN A 185 18.81 -18.73 1.71
N SER A 186 18.85 -19.82 2.53
CA SER A 186 17.66 -20.66 2.64
C SER A 186 16.42 -19.83 3.01
N VAL A 187 16.55 -18.95 3.99
CA VAL A 187 15.37 -18.22 4.42
C VAL A 187 14.90 -17.31 3.31
N LEU A 188 15.84 -16.66 2.61
CA LEU A 188 15.50 -15.72 1.54
C LEU A 188 14.97 -16.41 0.30
N GLU A 189 15.24 -17.72 0.14
CA GLU A 189 14.66 -18.49 -0.96
C GLU A 189 13.16 -18.29 -1.05
N ASN A 190 12.51 -18.05 0.08
CA ASN A 190 11.07 -18.03 0.15
C ASN A 190 10.53 -16.62 0.30
N PHE A 191 11.37 -15.59 0.10
CA PHE A 191 11.03 -14.20 0.37
C PHE A 191 11.16 -13.42 -0.92
N THR A 192 10.09 -12.77 -1.35
CA THR A 192 10.18 -12.04 -2.61
C THR A 192 9.41 -10.72 -2.49
N ILE A 193 9.67 -9.81 -3.43
CA ILE A 193 8.97 -8.53 -3.48
C ILE A 193 8.50 -8.30 -4.91
N LEU A 194 7.23 -7.91 -5.05
CA LEU A 194 6.64 -7.61 -6.35
C LEU A 194 6.26 -6.12 -6.37
N GLN A 195 6.73 -5.39 -7.37
CA GLN A 195 6.50 -3.95 -7.46
C GLN A 195 5.78 -3.70 -8.78
N VAL A 196 4.60 -3.10 -8.73
CA VAL A 196 3.82 -2.85 -9.93
C VAL A 196 3.51 -1.35 -10.00
N VAL A 197 3.95 -0.70 -11.07
CA VAL A 197 3.74 0.72 -11.30
C VAL A 197 2.71 0.87 -12.42
N THR A 198 1.64 1.61 -12.15
CA THR A 198 0.57 1.77 -13.13
C THR A 198 0.24 3.24 -13.30
N ASN A 199 -0.30 3.56 -14.45
CA ASN A 199 -0.89 4.87 -14.65
C ASN A 199 -2.15 4.97 -13.80
N ARG A 200 -2.13 5.83 -12.77
CA ARG A 200 -3.26 5.92 -11.84
C ARG A 200 -4.55 6.25 -12.56
N ASP A 201 -4.49 6.98 -13.66
CA ASP A 201 -5.69 7.49 -14.30
C ASP A 201 -6.25 6.52 -15.33
N THR A 202 -5.37 5.85 -16.07
CA THR A 202 -5.77 4.92 -17.13
C THR A 202 -5.69 3.47 -16.69
N GLN A 203 -5.11 3.19 -15.53
CA GLN A 203 -4.93 1.85 -14.98
C GLN A 203 -3.94 0.99 -15.77
N GLU A 204 -3.32 1.51 -16.82
CA GLU A 204 -2.40 0.69 -17.58
C GLU A 204 -1.13 0.45 -16.77
N LEU A 205 -0.66 -0.80 -16.82
CA LEU A 205 0.62 -1.16 -16.21
C LEU A 205 1.78 -0.53 -16.97
N LEU A 206 2.69 0.09 -16.23
CA LEU A 206 3.90 0.68 -16.83
C LEU A 206 5.15 -0.15 -16.59
N LEU A 207 5.32 -0.69 -15.39
CA LEU A 207 6.53 -1.42 -15.03
C LEU A 207 6.11 -2.43 -13.99
N CYS A 208 6.55 -3.67 -14.13
CA CYS A 208 6.35 -4.65 -13.07
C CYS A 208 7.69 -5.32 -12.83
N THR A 209 8.14 -5.32 -11.57
CA THR A 209 9.47 -5.79 -11.24
C THR A 209 9.34 -6.85 -10.15
N ALA A 210 9.90 -8.03 -10.38
CA ALA A 210 9.97 -9.08 -9.37
C ALA A 210 11.39 -9.11 -8.79
N TYR A 211 11.48 -9.12 -7.48
CA TYR A 211 12.78 -9.11 -6.83
C TYR A 211 12.98 -10.44 -6.12
N VAL A 212 14.15 -11.03 -6.27
CA VAL A 212 14.52 -12.21 -5.51
C VAL A 212 15.87 -11.93 -4.86
N PHE A 213 16.18 -12.66 -3.79
CA PHE A 213 17.21 -12.18 -2.88
C PHE A 213 18.15 -13.28 -2.43
N GLU A 214 19.41 -12.91 -2.32
CA GLU A 214 20.47 -13.66 -1.67
C GLU A 214 21.21 -12.68 -0.79
N VAL A 215 22.04 -13.19 0.08
CA VAL A 215 22.88 -12.35 0.91
C VAL A 215 24.25 -12.28 0.28
N SER A 216 24.84 -11.11 0.33
CA SER A 216 26.18 -10.90 -0.17
C SER A 216 27.17 -11.24 0.92
N THR A 217 28.37 -11.63 0.53
CA THR A 217 29.37 -12.01 1.50
C THR A 217 29.91 -10.87 2.32
N SER A 218 29.57 -9.64 2.02
CA SER A 218 30.09 -8.51 2.81
C SER A 218 31.61 -8.43 2.73
N GLU A 219 32.09 -7.37 2.09
CA GLU A 219 33.37 -7.30 1.43
C GLU A 219 32.91 -6.94 0.06
N ARG A 220 32.00 -7.74 -0.48
CA ARG A 220 31.21 -7.30 -1.58
C ARG A 220 29.98 -6.69 -0.99
N GLY A 221 29.78 -5.43 -1.23
CA GLY A 221 28.53 -4.79 -0.87
C GLY A 221 27.41 -5.31 -1.74
N ALA A 222 26.39 -4.51 -1.92
CA ALA A 222 25.21 -4.94 -2.63
C ALA A 222 25.48 -5.09 -4.12
N GLN A 223 24.89 -6.10 -4.73
CA GLN A 223 24.90 -6.26 -6.17
C GLN A 223 23.53 -6.63 -6.67
N HIS A 224 23.39 -6.59 -7.99
CA HIS A 224 22.12 -6.94 -8.59
C HIS A 224 22.37 -7.40 -10.01
N HIS A 225 21.38 -8.10 -10.55
CA HIS A 225 21.36 -8.54 -11.94
C HIS A 225 19.93 -8.42 -12.41
N ILE A 226 19.71 -7.66 -13.48
CA ILE A 226 18.38 -7.40 -14.03
C ILE A 226 18.17 -8.32 -15.23
N TYR A 227 17.03 -8.99 -15.29
CA TYR A 227 16.65 -9.80 -16.43
C TYR A 227 15.32 -9.30 -16.97
N ARG A 228 15.12 -9.44 -18.28
CA ARG A 228 13.79 -9.35 -18.84
C ARG A 228 13.01 -10.62 -18.54
N LEU A 229 11.70 -10.47 -18.29
CA LEU A 229 10.79 -11.59 -18.08
C LEU A 229 10.00 -11.84 -19.36
N VAL A 230 10.20 -13.03 -19.95
CA VAL A 230 9.61 -13.36 -21.24
C VAL A 230 8.72 -14.58 -21.09
N ARG A 231 7.98 -14.90 -22.14
CA ARG A 231 7.11 -16.07 -22.11
C ARG A 231 6.85 -16.59 -23.52
N GLY B 7 -22.82 13.53 12.65
CA GLY B 7 -22.07 13.44 11.42
C GLY B 7 -20.61 13.07 11.59
N LEU B 8 -20.07 12.32 10.65
CA LEU B 8 -18.67 11.91 10.68
C LEU B 8 -17.85 13.04 10.05
N GLY B 9 -17.26 13.88 10.89
CA GLY B 9 -16.56 15.06 10.40
C GLY B 9 -16.28 16.00 11.54
N THR B 10 -15.52 17.05 11.22
CA THR B 10 -15.16 18.10 12.18
C THR B 10 -15.52 19.46 11.58
N ALA B 11 -15.19 20.52 12.29
CA ALA B 11 -15.33 21.85 11.72
C ALA B 11 -14.45 22.03 10.50
N ARG B 12 -13.40 21.23 10.35
CA ARG B 12 -12.46 21.46 9.27
C ARG B 12 -12.68 20.59 8.06
N LEU B 13 -13.24 19.40 8.24
CA LEU B 13 -13.38 18.45 7.14
C LEU B 13 -14.51 17.50 7.50
N GLN B 14 -15.44 17.28 6.57
CA GLN B 14 -16.55 16.36 6.81
C GLN B 14 -16.60 15.34 5.69
N LEU B 15 -16.98 14.11 6.04
CA LEU B 15 -17.30 13.11 5.04
C LEU B 15 -18.69 13.40 4.49
N VAL B 16 -18.84 13.40 3.16
CA VAL B 16 -20.17 13.53 2.55
C VAL B 16 -20.61 12.27 1.80
N GLU B 17 -19.72 11.32 1.54
CA GLU B 17 -20.09 10.08 0.87
C GLU B 17 -18.93 9.10 0.98
N PHE B 18 -19.24 7.84 1.30
CA PHE B 18 -18.24 6.79 1.24
C PHE B 18 -18.94 5.53 0.76
N SER B 19 -18.33 4.84 -0.18
CA SER B 19 -18.85 3.56 -0.62
C SER B 19 -17.71 2.67 -1.05
N ALA B 20 -17.89 1.37 -0.82
CA ALA B 20 -17.03 0.34 -1.38
C ALA B 20 -17.95 -0.59 -2.15
N PHE B 21 -17.57 -0.91 -3.38
CA PHE B 21 -18.55 -1.47 -4.30
C PHE B 21 -17.88 -2.38 -5.30
N VAL B 22 -18.70 -3.14 -6.02
CA VAL B 22 -18.25 -3.89 -7.18
C VAL B 22 -19.24 -3.65 -8.31
N GLU B 23 -18.73 -3.39 -9.50
CA GLU B 23 -19.46 -3.22 -10.74
C GLU B 23 -19.18 -4.41 -11.63
N PRO B 24 -20.19 -4.93 -12.32
CA PRO B 24 -19.98 -6.12 -13.12
C PRO B 24 -19.53 -5.78 -14.53
N PRO B 25 -18.94 -6.74 -15.25
CA PRO B 25 -18.61 -6.61 -16.67
C PRO B 25 -19.83 -6.26 -17.53
N ARG B 33 -24.33 -1.74 -9.95
CA ARG B 33 -23.20 -1.87 -9.04
C ARG B 33 -23.70 -2.33 -7.66
N HIS B 34 -22.88 -3.08 -6.93
CA HIS B 34 -23.23 -3.57 -5.61
C HIS B 34 -22.41 -2.82 -4.57
N LEU B 35 -23.07 -2.25 -3.57
CA LEU B 35 -22.37 -1.59 -2.48
C LEU B 35 -22.20 -2.53 -1.30
N PHE B 36 -20.95 -2.87 -0.98
CA PHE B 36 -20.66 -3.66 0.22
C PHE B 36 -20.97 -2.85 1.48
N VAL B 37 -20.60 -1.57 1.45
CA VAL B 37 -20.79 -0.65 2.56
C VAL B 37 -20.92 0.74 1.94
N HIS B 38 -21.64 1.62 2.64
CA HIS B 38 -22.11 2.86 2.04
C HIS B 38 -22.47 3.84 3.15
N ILE B 39 -21.88 5.03 3.13
CA ILE B 39 -22.25 6.14 4.01
C ILE B 39 -22.63 7.32 3.11
N SER B 40 -23.91 7.64 3.05
CA SER B 40 -24.37 8.85 2.41
C SER B 40 -24.66 9.88 3.48
N GLN B 41 -23.97 11.00 3.42
CA GLN B 41 -24.27 12.07 4.35
C GLN B 41 -24.71 13.27 3.53
N HIS B 42 -25.72 13.06 2.69
CA HIS B 42 -26.28 14.09 1.82
C HIS B 42 -27.62 14.59 2.34
N PRO B 49 -29.31 13.89 16.39
CA PRO B 49 -28.84 13.61 17.74
C PRO B 49 -27.33 13.43 17.75
N PRO B 50 -26.67 13.64 18.89
CA PRO B 50 -25.21 13.46 18.93
C PRO B 50 -24.83 12.01 18.75
N LEU B 51 -23.74 11.78 18.03
CA LEU B 51 -23.26 10.41 17.85
C LEU B 51 -22.93 9.80 19.20
N GLU B 52 -23.15 8.48 19.30
CA GLU B 52 -22.77 7.74 20.49
C GLU B 52 -21.25 7.78 20.65
N SER B 53 -20.78 7.46 21.86
CA SER B 53 -19.38 7.56 22.21
C SER B 53 -18.80 6.17 22.48
N VAL B 54 -17.60 5.90 21.96
CA VAL B 54 -16.88 4.67 22.29
C VAL B 54 -15.49 5.04 22.78
N ASP B 55 -15.00 4.27 23.74
CA ASP B 55 -13.72 4.55 24.39
C ASP B 55 -12.60 3.89 23.59
N VAL B 56 -11.70 4.71 23.06
CA VAL B 56 -10.67 4.24 22.12
C VAL B 56 -9.80 3.15 22.74
N ARG B 57 -9.84 2.99 24.05
CA ARG B 57 -9.09 1.91 24.68
C ARG B 57 -9.62 0.54 24.27
N GLN B 58 -10.93 0.44 24.03
CA GLN B 58 -11.55 -0.84 23.66
C GLN B 58 -11.00 -1.39 22.35
N ILE B 59 -10.23 -0.61 21.60
CA ILE B 59 -9.89 -0.97 20.23
C ILE B 59 -8.44 -0.67 19.92
N TYR B 60 -7.59 -0.56 20.96
CA TYR B 60 -6.16 -0.46 20.71
C TYR B 60 -5.60 -1.77 20.17
N ASP B 61 -6.07 -2.90 20.70
CA ASP B 61 -5.58 -4.22 20.32
C ASP B 61 -5.87 -4.57 18.87
N LYS B 62 -6.86 -3.91 18.26
CA LYS B 62 -7.29 -4.24 16.90
C LYS B 62 -6.45 -3.57 15.82
N PHE B 63 -5.48 -2.72 16.18
CA PHE B 63 -4.59 -2.07 15.24
C PHE B 63 -3.16 -2.16 15.72
N PRO B 64 -2.19 -1.83 14.86
CA PRO B 64 -0.79 -1.92 15.27
C PRO B 64 -0.55 -1.08 16.52
N GLU B 65 0.59 -1.31 17.15
CA GLU B 65 0.87 -0.70 18.44
C GLU B 65 2.17 0.08 18.40
N LYS B 66 2.18 1.21 19.12
CA LYS B 66 3.34 2.08 19.25
C LYS B 66 3.59 2.86 17.96
N LYS B 67 3.97 2.16 16.89
CA LYS B 67 4.32 2.80 15.63
C LYS B 67 3.10 3.45 15.00
N GLY B 68 2.64 4.57 15.55
CA GLY B 68 1.47 5.24 15.02
C GLY B 68 0.23 4.38 14.97
N GLY B 69 0.09 3.44 15.91
CA GLY B 69 -1.17 2.77 16.10
C GLY B 69 -2.21 3.74 16.62
N LEU B 70 -3.42 3.23 16.80
CA LEU B 70 -4.51 4.04 17.34
C LEU B 70 -4.07 4.81 18.57
N ARG B 71 -3.20 4.21 19.39
CA ARG B 71 -2.66 4.87 20.57
C ARG B 71 -1.84 6.11 20.22
N GLU B 72 -0.72 5.91 19.52
CA GLU B 72 0.19 7.01 19.23
C GLU B 72 -0.48 8.15 18.47
N LEU B 73 -1.60 7.87 17.79
CA LEU B 73 -2.32 8.92 17.05
C LEU B 73 -3.27 9.70 17.94
N TYR B 74 -4.05 9.01 18.78
CA TYR B 74 -5.01 9.71 19.62
C TYR B 74 -4.30 10.70 20.54
N ASP B 75 -3.14 10.31 21.06
CA ASP B 75 -2.34 11.22 21.90
C ASP B 75 -1.99 12.49 21.14
N ARG B 76 -1.45 12.32 19.92
CA ARG B 76 -1.11 13.46 19.06
C ARG B 76 -2.27 14.43 18.91
N GLY B 77 -3.51 13.95 19.03
CA GLY B 77 -4.67 14.79 18.88
C GLY B 77 -4.88 15.22 17.44
N PRO B 78 -5.95 15.98 17.20
CA PRO B 78 -6.98 16.38 18.17
C PRO B 78 -7.97 15.24 18.44
N PRO B 79 -8.29 15.01 19.72
CA PRO B 79 -9.21 13.91 20.05
C PRO B 79 -10.56 14.01 19.37
N HIS B 80 -11.08 15.22 19.17
CA HIS B 80 -12.38 15.42 18.53
C HIS B 80 -12.39 14.96 17.07
N ALA B 81 -11.23 14.60 16.51
CA ALA B 81 -11.17 14.15 15.13
C ALA B 81 -11.21 12.63 14.96
N PHE B 82 -11.46 11.86 16.02
CA PHE B 82 -11.34 10.40 15.96
C PHE B 82 -12.71 9.72 16.02
N PHE B 83 -12.97 8.82 15.08
CA PHE B 83 -14.26 8.15 14.96
C PHE B 83 -14.09 6.64 14.78
N LEU B 84 -15.07 5.89 15.26
CA LEU B 84 -15.17 4.46 14.98
C LEU B 84 -16.41 4.28 14.12
N VAL B 85 -16.27 3.57 13.00
CA VAL B 85 -17.41 3.22 12.17
C VAL B 85 -17.59 1.70 12.26
N LYS B 86 -18.79 1.27 12.62
CA LYS B 86 -19.17 -0.13 12.62
C LYS B 86 -20.01 -0.42 11.38
N PHE B 87 -19.51 -1.30 10.52
CA PHE B 87 -20.13 -1.65 9.26
C PHE B 87 -20.73 -3.05 9.34
N TRP B 88 -21.96 -3.19 8.86
CA TRP B 88 -22.51 -4.51 8.53
C TRP B 88 -22.53 -4.54 7.01
N ALA B 89 -21.58 -5.26 6.43
CA ALA B 89 -21.44 -5.28 4.99
C ALA B 89 -22.44 -6.21 4.33
N ASP B 90 -22.79 -5.87 3.09
CA ASP B 90 -23.61 -6.70 2.23
C ASP B 90 -22.72 -7.48 1.27
N LEU B 91 -22.48 -8.76 1.56
CA LEU B 91 -21.62 -9.61 0.75
C LEU B 91 -22.39 -10.53 -0.19
N ASN B 92 -23.59 -10.14 -0.61
CA ASN B 92 -24.42 -10.98 -1.48
C ASN B 92 -24.59 -10.28 -2.84
N TRP B 93 -23.70 -10.58 -3.77
CA TRP B 93 -23.85 -10.10 -5.15
C TRP B 93 -23.68 -11.27 -6.11
N SER B 108 -17.52 -13.74 -9.73
CA SER B 108 -16.09 -13.55 -9.96
C SER B 108 -15.84 -12.80 -11.28
N GLY B 109 -15.05 -11.73 -11.18
CA GLY B 109 -14.92 -10.71 -12.19
C GLY B 109 -15.40 -9.36 -11.68
N GLY B 110 -15.15 -8.34 -12.49
CA GLY B 110 -15.71 -7.03 -12.25
C GLY B 110 -14.73 -6.05 -11.61
N PHE B 111 -15.11 -4.78 -11.61
CA PHE B 111 -14.26 -3.73 -11.09
C PHE B 111 -14.62 -3.43 -9.62
N TYR B 112 -13.66 -3.58 -8.72
CA TYR B 112 -13.84 -3.38 -7.30
C TYR B 112 -13.26 -2.03 -6.94
N GLY B 113 -14.08 -1.16 -6.34
CA GLY B 113 -13.70 0.22 -6.16
C GLY B 113 -14.12 0.76 -4.81
N VAL B 114 -13.47 1.85 -4.44
CA VAL B 114 -13.80 2.60 -3.24
C VAL B 114 -13.98 4.05 -3.67
N SER B 115 -15.06 4.69 -3.22
CA SER B 115 -15.31 6.08 -3.57
C SER B 115 -15.53 6.85 -2.28
N SER B 116 -14.89 8.02 -2.16
CA SER B 116 -15.05 8.88 -1.00
C SER B 116 -15.09 10.32 -1.45
N GLN B 117 -15.87 11.12 -0.72
CA GLN B 117 -15.97 12.55 -0.96
C GLN B 117 -15.95 13.26 0.38
N TYR B 118 -15.08 14.26 0.51
CA TYR B 118 -15.05 15.09 1.70
C TYR B 118 -15.34 16.54 1.31
N GLU B 119 -15.68 17.34 2.31
CA GLU B 119 -16.03 18.75 2.16
C GLU B 119 -15.30 19.59 3.19
N SER B 120 -15.04 20.85 2.83
CA SER B 120 -14.42 21.79 3.76
C SER B 120 -14.71 23.21 3.30
N LEU B 121 -14.61 24.14 4.26
CA LEU B 121 -14.67 25.55 3.94
C LEU B 121 -13.30 26.14 3.64
N GLU B 122 -12.21 25.51 4.07
CA GLU B 122 -10.89 26.04 3.74
C GLU B 122 -10.25 25.21 2.63
N HIS B 123 -9.37 25.87 1.88
CA HIS B 123 -8.70 25.25 0.74
C HIS B 123 -7.50 24.46 1.21
N MET B 124 -7.48 23.17 0.91
CA MET B 124 -6.47 22.29 1.46
C MET B 124 -6.05 21.31 0.38
N THR B 125 -4.87 20.72 0.54
CA THR B 125 -4.57 19.47 -0.10
C THR B 125 -4.53 18.40 0.99
N LEU B 126 -5.22 17.29 0.75
CA LEU B 126 -5.33 16.22 1.74
C LEU B 126 -4.41 15.07 1.38
N THR B 127 -3.83 14.43 2.39
CA THR B 127 -3.25 13.11 2.23
C THR B 127 -4.05 12.14 3.09
N CYS B 128 -4.55 11.07 2.47
CA CYS B 128 -5.38 10.10 3.17
C CYS B 128 -4.66 8.77 3.19
N SER B 129 -4.28 8.34 4.38
CA SER B 129 -3.63 7.05 4.61
C SER B 129 -4.67 6.05 5.09
N SER B 130 -4.71 4.89 4.45
CA SER B 130 -5.62 3.81 4.81
C SER B 130 -4.77 2.58 5.10
N LYS B 131 -5.01 1.95 6.23
CA LYS B 131 -4.25 0.77 6.63
C LYS B 131 -5.23 -0.35 6.91
N VAL B 132 -5.04 -1.48 6.23
CA VAL B 132 -5.80 -2.70 6.51
C VAL B 132 -5.00 -3.53 7.50
N CYS B 133 -5.63 -3.91 8.60
CA CYS B 133 -4.93 -4.68 9.63
C CYS B 133 -5.60 -6.04 9.80
N SER B 134 -4.75 -7.06 9.96
CA SER B 134 -5.21 -8.43 10.14
C SER B 134 -4.52 -8.94 11.38
N PHE B 135 -5.31 -9.28 12.39
CA PHE B 135 -4.79 -9.69 13.69
C PHE B 135 -3.85 -8.63 14.26
N GLY B 136 -4.27 -7.37 14.16
CA GLY B 136 -3.52 -6.23 14.64
C GLY B 136 -2.32 -5.85 13.79
N LYS B 137 -1.88 -6.73 12.90
CA LYS B 137 -0.78 -6.45 11.99
C LYS B 137 -1.25 -5.77 10.73
N GLN B 138 -0.52 -4.75 10.28
CA GLN B 138 -0.93 -4.05 9.08
C GLN B 138 -0.47 -4.84 7.87
N VAL B 139 -1.41 -5.22 7.01
CA VAL B 139 -1.13 -5.94 5.78
C VAL B 139 -1.28 -5.09 4.53
N VAL B 140 -1.87 -3.89 4.63
CA VAL B 140 -1.87 -2.96 3.51
C VAL B 140 -1.72 -1.55 4.04
N GLU B 141 -0.90 -0.73 3.37
CA GLU B 141 -1.00 0.72 3.57
C GLU B 141 -1.15 1.37 2.21
N LYS B 142 -2.18 2.18 2.06
CA LYS B 142 -2.46 2.87 0.81
C LYS B 142 -2.48 4.36 1.11
N VAL B 143 -1.73 5.16 0.34
CA VAL B 143 -1.67 6.61 0.55
C VAL B 143 -2.08 7.30 -0.73
N GLU B 144 -3.00 8.27 -0.62
CA GLU B 144 -3.41 9.09 -1.75
C GLU B 144 -3.37 10.56 -1.35
N THR B 145 -3.22 11.41 -2.36
CA THR B 145 -3.27 12.86 -2.20
C THR B 145 -4.45 13.40 -3.00
N GLU B 146 -5.18 14.37 -2.43
CA GLU B 146 -6.29 15.00 -3.12
C GLU B 146 -6.32 16.48 -2.82
N ARG B 147 -6.32 17.29 -3.87
CA ARG B 147 -6.36 18.73 -3.77
C ARG B 147 -7.80 19.21 -3.87
N ALA B 148 -8.11 20.28 -3.16
CA ALA B 148 -9.49 20.76 -3.09
C ALA B 148 -10.00 21.18 -4.46
N GLN B 149 -11.30 21.06 -4.66
CA GLN B 149 -11.91 21.56 -5.87
C GLN B 149 -13.10 22.46 -5.50
N LEU B 150 -13.08 23.69 -5.97
CA LEU B 150 -14.15 24.63 -5.61
C LEU B 150 -15.45 24.26 -6.29
N GLU B 151 -16.50 24.08 -5.49
CA GLU B 151 -17.80 23.65 -6.00
C GLU B 151 -18.90 24.14 -5.06
N ASP B 152 -19.84 24.91 -5.59
CA ASP B 152 -21.04 25.27 -4.85
C ASP B 152 -20.69 26.08 -3.60
N GLY B 153 -19.68 26.95 -3.73
CA GLY B 153 -19.27 27.75 -2.58
C GLY B 153 -18.61 26.97 -1.45
N ARG B 154 -18.06 25.79 -1.72
CA ARG B 154 -17.21 25.11 -0.76
C ARG B 154 -16.16 24.31 -1.51
N PHE B 155 -15.25 23.69 -0.77
CA PHE B 155 -14.21 22.86 -1.36
C PHE B 155 -14.56 21.41 -1.16
N VAL B 156 -14.56 20.65 -2.25
CA VAL B 156 -14.88 19.23 -2.19
C VAL B 156 -13.63 18.46 -2.55
N TYR B 157 -13.49 17.29 -1.95
CA TYR B 157 -12.36 16.41 -2.20
C TYR B 157 -12.93 15.10 -2.70
N ARG B 158 -12.70 14.77 -3.97
CA ARG B 158 -13.33 13.62 -4.62
C ARG B 158 -12.27 12.57 -4.93
N LEU B 159 -12.32 11.44 -4.22
CA LEU B 159 -11.49 10.29 -4.51
C LEU B 159 -12.44 9.19 -4.99
N LEU B 160 -12.79 9.24 -6.27
CA LEU B 160 -13.85 8.39 -6.79
C LEU B 160 -13.25 7.19 -7.52
N ARG B 161 -13.90 6.04 -7.37
CA ARG B 161 -13.54 4.84 -8.13
C ARG B 161 -12.06 4.47 -7.97
N SER B 162 -11.52 4.59 -6.76
CA SER B 162 -10.16 4.09 -6.52
C SER B 162 -10.15 2.57 -6.55
N PRO B 163 -9.26 1.94 -7.31
CA PRO B 163 -9.23 0.47 -7.33
C PRO B 163 -8.96 -0.09 -5.94
N MET B 164 -9.85 -0.97 -5.50
CA MET B 164 -9.66 -1.70 -4.26
C MET B 164 -8.39 -2.56 -4.34
N CYS B 165 -7.61 -2.59 -3.27
CA CYS B 165 -6.34 -3.29 -3.36
C CYS B 165 -6.58 -4.79 -3.53
N GLU B 166 -5.63 -5.46 -4.16
CA GLU B 166 -5.74 -6.89 -4.45
C GLU B 166 -5.98 -7.68 -3.17
N TYR B 167 -5.39 -7.27 -2.06
CA TYR B 167 -5.64 -7.99 -0.81
C TYR B 167 -7.12 -8.03 -0.51
N LEU B 168 -7.78 -6.86 -0.52
CA LEU B 168 -9.21 -6.78 -0.19
C LEU B 168 -10.06 -7.54 -1.19
N VAL B 169 -9.70 -7.48 -2.47
CA VAL B 169 -10.46 -8.19 -3.49
C VAL B 169 -10.43 -9.69 -3.21
N ASN B 170 -9.23 -10.25 -3.07
CA ASN B 170 -9.12 -11.69 -2.85
C ASN B 170 -9.78 -12.09 -1.54
N PHE B 171 -9.65 -11.26 -0.52
CA PHE B 171 -10.30 -11.51 0.77
C PHE B 171 -11.82 -11.52 0.65
N LEU B 172 -12.40 -10.59 -0.12
CA LEU B 172 -13.83 -10.61 -0.36
C LEU B 172 -14.27 -11.87 -1.10
N HIS B 173 -13.44 -12.34 -2.05
CA HIS B 173 -13.81 -13.54 -2.79
CA HIS B 173 -13.76 -13.56 -2.80
C HIS B 173 -13.75 -14.78 -1.92
N LYS B 174 -12.86 -14.80 -0.94
CA LYS B 174 -12.87 -15.89 0.03
C LYS B 174 -14.05 -15.73 0.98
N LEU B 175 -14.19 -14.55 1.58
CA LEU B 175 -15.24 -14.29 2.56
C LEU B 175 -16.60 -14.67 1.98
N ARG B 176 -16.79 -14.40 0.68
CA ARG B 176 -18.09 -14.58 0.05
C ARG B 176 -18.57 -16.02 0.12
N GLN B 177 -17.67 -16.98 0.08
CA GLN B 177 -18.07 -18.37 -0.06
C GLN B 177 -18.24 -19.10 1.27
N LEU B 178 -18.01 -18.43 2.39
CA LEU B 178 -18.28 -19.03 3.68
C LEU B 178 -19.75 -19.44 3.75
N PRO B 179 -20.05 -20.56 4.42
CA PRO B 179 -21.43 -21.07 4.41
C PRO B 179 -22.39 -20.29 5.29
N GLU B 180 -21.91 -19.68 6.36
CA GLU B 180 -22.79 -19.08 7.36
C GLU B 180 -22.28 -17.68 7.67
N ARG B 181 -23.22 -16.78 7.88
CA ARG B 181 -22.91 -15.41 8.28
C ARG B 181 -22.11 -15.40 9.59
N TYR B 182 -22.43 -16.30 10.53
CA TYR B 182 -21.64 -16.31 11.76
C TYR B 182 -20.20 -16.64 11.48
N MET B 183 -19.94 -17.39 10.41
CA MET B 183 -18.56 -17.77 10.08
C MET B 183 -17.84 -16.55 9.48
N MET B 184 -18.54 -15.79 8.66
CA MET B 184 -17.97 -14.53 8.14
C MET B 184 -17.66 -13.57 9.30
N ASN B 185 -18.58 -13.44 10.26
CA ASN B 185 -18.33 -12.56 11.40
C ASN B 185 -17.13 -13.02 12.22
N SER B 186 -16.95 -14.34 12.43
CA SER B 186 -15.74 -14.78 13.13
C SER B 186 -14.50 -14.36 12.37
N VAL B 187 -14.49 -14.52 11.04
CA VAL B 187 -13.28 -14.14 10.31
C VAL B 187 -13.08 -12.62 10.35
N LEU B 188 -14.18 -11.86 10.41
CA LEU B 188 -14.08 -10.41 10.37
C LEU B 188 -13.77 -9.80 11.74
N GLU B 189 -13.96 -10.58 12.81
CA GLU B 189 -13.57 -10.10 14.14
C GLU B 189 -12.13 -9.60 14.15
N ASN B 190 -11.27 -10.18 13.32
CA ASN B 190 -9.85 -9.87 13.32
C ASN B 190 -9.44 -8.95 12.19
N PHE B 191 -10.38 -8.25 11.58
CA PHE B 191 -10.07 -7.45 10.40
C PHE B 191 -10.52 -6.03 10.65
N THR B 192 -9.63 -5.06 10.40
CA THR B 192 -9.99 -3.69 10.71
C THR B 192 -9.29 -2.78 9.71
N ILE B 193 -9.84 -1.59 9.52
CA ILE B 193 -9.19 -0.59 8.67
C ILE B 193 -9.03 0.69 9.46
N LEU B 194 -7.95 1.41 9.17
CA LEU B 194 -7.70 2.69 9.84
C LEU B 194 -7.38 3.71 8.77
N GLN B 195 -8.12 4.81 8.75
CA GLN B 195 -7.93 5.90 7.80
C GLN B 195 -7.54 7.14 8.56
N VAL B 196 -6.46 7.78 8.12
CA VAL B 196 -5.96 8.98 8.75
C VAL B 196 -5.85 10.03 7.65
N VAL B 197 -6.64 11.08 7.76
CA VAL B 197 -6.66 12.18 6.80
C VAL B 197 -5.95 13.38 7.40
N THR B 198 -4.93 13.86 6.72
CA THR B 198 -4.10 14.94 7.22
C THR B 198 -4.00 16.06 6.18
N ASN B 199 -3.88 17.27 6.70
CA ASN B 199 -3.51 18.41 5.86
C ASN B 199 -2.12 18.18 5.29
N ARG B 200 -2.04 17.98 3.98
CA ARG B 200 -0.75 17.68 3.36
C ARG B 200 0.27 18.76 3.71
N ASP B 201 -0.11 20.03 3.59
CA ASP B 201 0.88 21.11 3.70
C ASP B 201 1.32 21.36 5.13
N THR B 202 0.45 21.10 6.09
CA THR B 202 0.73 21.39 7.48
C THR B 202 0.97 20.15 8.32
N GLN B 203 0.57 18.97 7.81
CA GLN B 203 0.75 17.69 8.47
C GLN B 203 -0.20 17.51 9.65
N GLU B 204 -1.12 18.44 9.89
CA GLU B 204 -2.05 18.30 11.00
C GLU B 204 -3.15 17.30 10.63
N LEU B 205 -3.50 16.48 11.61
CA LEU B 205 -4.48 15.43 11.39
C LEU B 205 -5.87 16.04 11.38
N LEU B 206 -6.65 15.75 10.34
CA LEU B 206 -8.00 16.29 10.18
C LEU B 206 -9.07 15.31 10.66
N LEU B 207 -8.98 14.06 10.19
CA LEU B 207 -9.91 12.98 10.52
C LEU B 207 -9.12 11.71 10.73
N CYS B 208 -9.53 10.89 11.70
CA CYS B 208 -8.96 9.56 11.78
C CYS B 208 -10.12 8.63 12.10
N THR B 209 -10.32 7.62 11.26
CA THR B 209 -11.50 6.76 11.31
C THR B 209 -11.07 5.31 11.40
N ALA B 210 -11.57 4.60 12.41
CA ALA B 210 -11.36 3.16 12.53
C ALA B 210 -12.61 2.45 12.07
N TYR B 211 -12.46 1.47 11.19
CA TYR B 211 -13.57 0.66 10.71
C TYR B 211 -13.50 -0.75 11.28
N VAL B 212 -14.64 -1.25 11.74
CA VAL B 212 -14.81 -2.65 12.10
C VAL B 212 -16.02 -3.20 11.37
N PHE B 213 -16.08 -4.54 11.27
CA PHE B 213 -16.94 -5.17 10.28
C PHE B 213 -17.64 -6.41 10.80
N GLU B 214 -18.90 -6.50 10.45
CA GLU B 214 -19.74 -7.70 10.49
C GLU B 214 -20.42 -7.83 9.14
N VAL B 215 -21.19 -8.87 8.97
CA VAL B 215 -21.95 -9.00 7.74
C VAL B 215 -23.42 -8.81 8.06
N SER B 216 -24.11 -8.18 7.14
CA SER B 216 -25.55 -8.13 7.19
C SER B 216 -26.16 -9.33 6.47
N THR B 217 -27.46 -9.44 6.54
CA THR B 217 -28.18 -10.32 5.65
C THR B 217 -28.63 -9.52 4.43
N SER B 218 -28.96 -10.25 3.36
CA SER B 218 -29.54 -9.56 2.20
C SER B 218 -30.81 -8.82 2.59
N GLU B 219 -31.56 -9.38 3.53
CA GLU B 219 -32.87 -8.85 3.86
C GLU B 219 -32.81 -7.42 4.40
N ARG B 220 -31.76 -7.09 5.15
CA ARG B 220 -31.64 -5.75 5.72
C ARG B 220 -30.47 -4.94 5.22
N GLY B 221 -29.83 -5.36 4.14
CA GLY B 221 -28.85 -4.55 3.46
C GLY B 221 -27.77 -3.94 4.35
N ALA B 222 -26.78 -3.32 3.72
CA ALA B 222 -25.70 -2.68 4.46
C ALA B 222 -26.24 -1.67 5.46
N GLN B 223 -25.55 -1.56 6.59
CA GLN B 223 -25.84 -0.59 7.62
C GLN B 223 -24.50 -0.14 8.17
N HIS B 224 -24.53 0.93 8.95
CA HIS B 224 -23.32 1.38 9.59
C HIS B 224 -23.76 2.13 10.82
N HIS B 225 -22.85 2.32 11.76
CA HIS B 225 -23.26 3.22 12.82
C HIS B 225 -21.96 3.85 13.31
N ILE B 226 -21.98 5.17 13.39
CA ILE B 226 -20.80 5.97 13.64
C ILE B 226 -20.74 6.35 15.10
N TYR B 227 -19.55 6.30 15.67
CA TYR B 227 -19.32 6.74 17.04
C TYR B 227 -18.16 7.72 17.06
N ARG B 228 -18.08 8.50 18.11
CA ARG B 228 -16.90 9.28 18.42
C ARG B 228 -16.05 8.47 19.39
N LEU B 229 -14.74 8.40 19.13
CA LEU B 229 -13.82 7.82 20.09
C LEU B 229 -13.47 8.87 21.16
N VAL B 230 -13.56 8.47 22.42
CA VAL B 230 -13.26 9.34 23.56
C VAL B 230 -12.35 8.57 24.52
N ARG B 231 -11.98 9.22 25.62
CA ARG B 231 -11.11 8.60 26.62
C ARG B 231 -10.60 9.65 27.61
C13 ZUP C . 12.07 -3.62 -2.60
C15 ZUP C . 13.28 -3.55 -0.52
C20 ZUP C . 16.21 -6.32 1.75
C21 ZUP C . 17.38 -7.00 1.50
C22 ZUP C . 17.48 -8.36 1.74
C24 ZUP C . 15.22 -8.41 2.51
C02 ZUP C . 8.55 -0.70 2.29
C04 ZUP C . 8.01 -1.81 1.46
C05 ZUP C . 6.76 -2.28 1.83
C06 ZUP C . 6.18 -3.33 1.10
C07 ZUP C . 6.94 -3.85 0.03
C09 ZUP C . 8.72 -2.38 0.36
C11 ZUP C . 11.07 -2.57 -0.69
C12 ZUP C . 11.00 -2.94 -2.03
C14 ZUP C . 13.23 -3.95 -1.84
C16 ZUP C . 12.22 -2.85 0.03
C18 ZUP C . 15.50 -4.44 0.08
C19 ZUP C . 16.15 -4.87 1.47
C23 ZUP C . 16.42 -9.08 2.23
C25 ZUP C . 15.13 -7.03 2.27
N08 ZUP C . 8.18 -3.41 -0.36
N10 ZUP C . 10.03 -1.87 -0.05
O01 ZUP C . 8.25 -0.73 3.53
O03 ZUP C . 9.29 0.12 1.70
O17 ZUP C . 14.31 -3.80 0.39
H131 ZUP C . 12.02 -3.87 -3.49
H211 ZUP C . 18.11 -6.53 1.17
H221 ZUP C . 18.29 -8.80 1.57
H241 ZUP C . 14.50 -8.88 2.85
H051 ZUP C . 6.30 -1.93 2.55
H061 ZUP C . 5.34 -3.67 1.30
H071 ZUP C . 6.60 -4.55 -0.48
H121 ZUP C . 10.25 -2.75 -2.53
H141 ZUP C . 13.93 -4.42 -2.27
H161 ZUP C . 12.28 -2.58 0.91
H181 ZUP C . 15.37 -5.20 -0.46
H182 ZUP C . 16.10 -3.87 -0.38
H191 ZUP C . 17.02 -4.54 1.56
H192 ZUP C . 15.70 -4.46 2.19
H231 ZUP C . 16.49 -9.99 2.39
H251 ZUP C . 14.32 -6.62 2.46
H101 ZUP C . 10.15 -1.03 0.12
C1 GOL D . 17.62 -17.15 -11.64
O1 GOL D . 17.61 -17.71 -12.92
C2 GOL D . 16.35 -17.66 -10.91
O2 GOL D . 15.19 -17.42 -11.64
C3 GOL D . 16.39 -16.95 -9.52
O3 GOL D . 15.07 -17.01 -8.97
H11 GOL D . 18.41 -17.39 -11.12
H12 GOL D . 17.61 -16.17 -11.65
HO1 GOL D . 18.21 -17.29 -13.36
H2 GOL D . 16.35 -18.63 -10.79
HO2 GOL D . 14.80 -16.78 -11.30
H31 GOL D . 17.05 -17.39 -8.97
H32 GOL D . 16.71 -16.05 -9.64
HO3 GOL D . 15.16 -17.34 -8.19
C13 ZUP E . -12.69 1.29 4.07
C15 ZUP E . -13.48 -0.69 2.98
C20 ZUP E . -14.67 -4.81 2.64
C21 ZUP E . -13.90 -5.75 3.33
C22 ZUP E . -14.45 -6.66 4.22
C24 ZUP E . -16.62 -5.74 3.75
C02 ZUP E . -8.20 -0.07 -0.81
C04 ZUP E . -7.98 0.14 0.67
C05 ZUP E . -6.66 0.07 1.09
C06 ZUP E . -6.36 0.23 2.44
C07 ZUP E . -7.41 0.46 3.32
C09 ZUP E . -9.00 0.36 1.64
C11 ZUP E . -11.47 0.40 2.19
C12 ZUP E . -11.61 1.37 3.18
C14 ZUP E . -13.63 0.26 3.98
C16 ZUP E . -12.40 -0.62 2.12
C18 ZUP E . -14.46 -2.42 1.58
C19 ZUP E . -13.98 -3.90 1.70
C23 ZUP E . -15.83 -6.65 4.44
C25 ZUP E . -16.04 -4.82 2.86
N08 ZUP E . -8.73 0.53 2.96
N10 ZUP E . -10.36 0.46 1.28
O01 ZUP E . -9.36 -0.20 -1.17
O03 ZUP E . -7.17 -0.12 -1.51
O17 ZUP E . -14.35 -1.76 2.84
H131 ZUP E . -12.77 1.95 4.73
H211 ZUP E . -12.98 -5.76 3.20
H221 ZUP E . -13.93 -7.27 4.68
H241 ZUP E . -17.53 -5.74 3.89
H051 ZUP E . -5.98 -0.09 0.48
H061 ZUP E . -5.47 0.19 2.75
H071 ZUP E . -7.25 0.56 4.23
H121 ZUP E . -11.00 2.07 3.25
H141 ZUP E . -14.34 0.25 4.59
H161 ZUP E . -12.30 -1.28 1.48
H181 ZUP E . -13.93 -1.99 0.94
H182 ZUP E . -15.35 -2.42 1.27
H191 ZUP E . -14.01 -4.31 0.85
H192 ZUP E . -13.07 -3.93 1.91
H231 ZUP E . -16.21 -7.26 5.03
H251 ZUP E . -16.60 -4.23 2.43
H101 ZUP E . -10.54 0.56 0.44
#